data_7Q3S
#
_entry.id   7Q3S
#
_cell.length_a   50.188
_cell.length_b   64.874
_cell.length_c   76.502
_cell.angle_alpha   90.000
_cell.angle_beta   93.789
_cell.angle_gamma   90.000
#
_symmetry.space_group_name_H-M   'P 1 21 1'
#
loop_
_entity.id
_entity.type
_entity.pdbx_description
1 polymer Glycosyltransferase
2 non-polymer "URIDINE-5'-DIPHOSPHATE"
3 water water
#
_entity_poly.entity_id   1
_entity_poly.type   'polypeptide(L)'
_entity_poly.pdbx_seq_one_letter_code
;GHMKQQQTVILYPSPGVGHIVPMVQLAKVFLRHGCDVTMVIAEPAASSPDFRIVDLDRVAASNPAITFHVLPPVPYADLA
VPGKHHFLLTLQVLRRYNGELERFLRSVPRERLHSLVVGMFCTDAVDVGAKLGVPVYTFFASAAATLAVVAQLPALLSGR
RAGLKELGDTPLQFLGVPPFPASHLVRELLEHPDDDELCKTMVDVWKRCTDGSGVLVNTFESLESPAVQALRDPRCVPGR
VLPPVYCVGPLIGGDGGTRAAAEQERAAETRHECLAWLDEQPENSVVFLCFGSRCAHSAEQLRGIAVGLERSGQRFLWSV
RTPAGTDGGSENLGALFPEGFLQRTKDRGLVVRSWAPQVEVLRHPSTGAFMTHCGWNSTLEAITAGVPMLCWPFYAEQLM
NKVFVTEGMGVGVEMEGYTTGFIKSEEVEAKVRLVMESEEGRHLRGRAVALKNEAQAALRDDGPSETSFARFLFDAKNLQ
GHLGHGSE
;
_entity_poly.pdbx_strand_id   A
#
# COMPACT_ATOMS: atom_id res chain seq x y z
N GLN A 6 -21.21 24.49 -5.79
CA GLN A 6 -20.43 23.64 -4.86
C GLN A 6 -20.40 22.19 -5.34
N GLN A 7 -19.23 21.70 -5.72
CA GLN A 7 -19.18 20.43 -6.42
C GLN A 7 -18.81 19.29 -5.51
N THR A 8 -19.08 18.10 -5.97
CA THR A 8 -18.92 16.88 -5.20
C THR A 8 -17.97 15.99 -5.99
N VAL A 9 -16.94 15.50 -5.30
CA VAL A 9 -16.11 14.45 -5.84
C VAL A 9 -16.67 13.14 -5.32
N ILE A 10 -16.68 12.13 -6.18
CA ILE A 10 -17.09 10.79 -5.77
C ILE A 10 -15.82 9.95 -5.71
N LEU A 11 -15.53 9.42 -4.53
CA LEU A 11 -14.37 8.58 -4.26
C LEU A 11 -14.89 7.15 -4.20
N TYR A 12 -14.22 6.22 -4.87
CA TYR A 12 -14.74 4.86 -5.07
C TYR A 12 -13.60 3.90 -4.86
N PRO A 13 -13.22 3.65 -3.60
CA PRO A 13 -11.98 2.90 -3.32
C PRO A 13 -12.16 1.41 -3.62
N SER A 14 -11.03 0.75 -3.81
CA SER A 14 -11.02 -0.71 -3.80
C SER A 14 -11.06 -1.22 -2.37
N PRO A 15 -11.31 -2.51 -2.18
CA PRO A 15 -11.43 -3.04 -0.80
C PRO A 15 -10.10 -3.06 -0.13
N GLY A 16 -10.16 -3.01 1.20
CA GLY A 16 -8.96 -3.22 2.01
C GLY A 16 -8.48 -1.95 2.68
N VAL A 17 -7.80 -2.13 3.84
CA VAL A 17 -7.29 -1.00 4.61
C VAL A 17 -6.39 -0.14 3.75
N GLY A 18 -5.57 -0.75 2.91
CA GLY A 18 -4.54 -0.06 2.13
C GLY A 18 -5.08 0.75 0.98
N HIS A 19 -6.35 0.51 0.66
CA HIS A 19 -7.05 1.27 -0.37
C HIS A 19 -7.99 2.30 0.24
N ILE A 20 -8.66 1.98 1.35
CA ILE A 20 -9.64 2.87 1.96
C ILE A 20 -8.96 3.96 2.78
N VAL A 21 -7.95 3.58 3.59
CA VAL A 21 -7.30 4.55 4.49
C VAL A 21 -6.68 5.71 3.71
N PRO A 22 -5.84 5.48 2.70
CA PRO A 22 -5.32 6.60 1.92
C PRO A 22 -6.44 7.39 1.19
N MET A 23 -7.53 6.76 0.80
CA MET A 23 -8.62 7.49 0.10
C MET A 23 -9.29 8.46 1.09
N VAL A 24 -9.41 8.08 2.37
CA VAL A 24 -9.94 8.99 3.41
C VAL A 24 -9.04 10.20 3.52
N GLN A 25 -7.72 9.97 3.52
CA GLN A 25 -6.79 11.10 3.55
C GLN A 25 -6.95 11.95 2.29
N LEU A 26 -7.08 11.32 1.12
CA LEU A 26 -7.34 12.07 -0.12
C LEU A 26 -8.60 12.90 0.02
N ALA A 27 -9.64 12.31 0.64
CA ALA A 27 -10.89 13.07 0.87
C ALA A 27 -10.60 14.37 1.61
N LYS A 28 -9.72 14.32 2.64
CA LYS A 28 -9.44 15.51 3.43
C LYS A 28 -8.77 16.56 2.56
N VAL A 29 -7.95 16.16 1.60
CA VAL A 29 -7.38 17.12 0.64
C VAL A 29 -8.46 17.79 -0.18
N PHE A 30 -9.38 17.03 -0.74
CA PHE A 30 -10.48 17.63 -1.49
C PHE A 30 -11.22 18.63 -0.61
N LEU A 31 -11.56 18.23 0.62
CA LEU A 31 -12.30 19.16 1.52
C LEU A 31 -11.53 20.45 1.76
N ARG A 32 -10.21 20.35 1.93
CA ARG A 32 -9.36 21.51 2.17
C ARG A 32 -9.41 22.44 0.99
N HIS A 33 -9.66 21.90 -0.21
CA HIS A 33 -9.74 22.69 -1.43
C HIS A 33 -11.16 23.04 -1.86
N GLY A 34 -12.16 22.95 -0.97
CA GLY A 34 -13.50 23.43 -1.28
C GLY A 34 -14.42 22.51 -2.04
N CYS A 35 -14.14 21.22 -2.03
N CYS A 35 -14.24 21.21 -1.93
CA CYS A 35 -15.05 20.23 -2.61
CA CYS A 35 -15.00 20.23 -2.71
C CYS A 35 -15.83 19.53 -1.51
C CYS A 35 -15.66 19.24 -1.77
N ASP A 36 -16.99 19.09 -1.88
CA ASP A 36 -17.72 18.12 -1.07
C ASP A 36 -17.25 16.74 -1.51
N VAL A 37 -17.33 15.79 -0.58
CA VAL A 37 -16.89 14.42 -0.85
C VAL A 37 -18.00 13.46 -0.47
N THR A 38 -18.29 12.54 -1.39
CA THR A 38 -19.00 11.31 -1.08
C THR A 38 -18.09 10.13 -1.37
N MET A 39 -17.93 9.27 -0.39
CA MET A 39 -17.15 8.05 -0.59
C MET A 39 -18.11 6.87 -0.70
N VAL A 40 -18.05 6.23 -1.85
CA VAL A 40 -18.96 5.16 -2.23
C VAL A 40 -18.26 3.86 -1.98
N ILE A 41 -18.88 2.98 -1.21
CA ILE A 41 -18.26 1.77 -0.70
C ILE A 41 -18.94 0.59 -1.35
N ALA A 42 -18.17 -0.19 -2.09
CA ALA A 42 -18.61 -1.46 -2.68
C ALA A 42 -18.02 -2.56 -1.82
N GLU A 43 -18.89 -3.26 -1.09
CA GLU A 43 -18.35 -4.28 -0.21
C GLU A 43 -17.99 -5.54 -1.00
N PRO A 44 -16.82 -6.14 -0.72
CA PRO A 44 -16.48 -7.41 -1.36
C PRO A 44 -17.37 -8.52 -0.83
N ALA A 45 -17.18 -9.72 -1.32
CA ALA A 45 -17.85 -10.87 -0.77
C ALA A 45 -17.54 -10.99 0.71
N ALA A 46 -18.49 -11.56 1.44
CA ALA A 46 -18.31 -11.70 2.89
C ALA A 46 -17.15 -12.65 3.22
N SER A 47 -16.75 -13.50 2.28
CA SER A 47 -15.59 -14.39 2.49
C SER A 47 -14.24 -13.73 2.21
N SER A 48 -14.23 -12.50 1.68
CA SER A 48 -12.97 -11.81 1.41
C SER A 48 -12.27 -11.49 2.73
N PRO A 49 -10.95 -11.65 2.80
CA PRO A 49 -10.24 -11.21 4.01
C PRO A 49 -10.38 -9.73 4.21
N ASP A 50 -10.77 -8.98 3.17
CA ASP A 50 -10.97 -7.53 3.29
C ASP A 50 -12.44 -7.14 3.57
N PHE A 51 -13.32 -8.10 3.85
CA PHE A 51 -14.70 -7.79 4.18
C PHE A 51 -14.77 -7.10 5.53
N ARG A 52 -15.32 -5.89 5.54
CA ARG A 52 -15.44 -5.08 6.74
C ARG A 52 -14.19 -5.11 7.61
N ILE A 53 -13.02 -5.02 6.97
CA ILE A 53 -11.77 -4.93 7.72
C ILE A 53 -11.57 -3.52 8.23
N VAL A 54 -12.21 -2.54 7.60
CA VAL A 54 -12.32 -1.17 8.11
C VAL A 54 -13.73 -1.03 8.69
N ASP A 55 -13.81 -0.51 9.91
CA ASP A 55 -15.12 -0.27 10.55
C ASP A 55 -15.64 1.04 9.97
N LEU A 56 -16.56 0.96 8.99
CA LEU A 56 -16.99 2.17 8.29
C LEU A 56 -17.87 3.05 9.19
N ASP A 57 -18.61 2.47 10.13
CA ASP A 57 -19.37 3.30 11.08
C ASP A 57 -18.43 4.22 11.86
N ARG A 58 -17.32 3.65 12.35
CA ARG A 58 -16.30 4.45 13.03
C ARG A 58 -15.64 5.48 12.10
N VAL A 59 -15.39 5.10 10.84
CA VAL A 59 -14.74 6.04 9.93
C VAL A 59 -15.65 7.23 9.66
N ALA A 60 -16.95 6.96 9.49
CA ALA A 60 -17.86 8.05 9.22
C ALA A 60 -17.95 8.98 10.43
N ALA A 61 -18.01 8.42 11.64
CA ALA A 61 -18.06 9.23 12.86
C ALA A 61 -16.82 10.10 13.02
N SER A 62 -15.67 9.58 12.58
CA SER A 62 -14.44 10.34 12.64
C SER A 62 -14.32 11.42 11.58
N ASN A 63 -15.08 11.33 10.49
CA ASN A 63 -14.99 12.28 9.38
C ASN A 63 -16.41 12.68 9.01
N PRO A 64 -17.07 13.40 9.90
CA PRO A 64 -18.47 13.76 9.64
C PRO A 64 -18.67 14.64 8.42
N ALA A 65 -17.64 15.30 7.90
CA ALA A 65 -17.84 16.15 6.71
C ALA A 65 -17.88 15.36 5.40
N ILE A 66 -17.52 14.08 5.44
CA ILE A 66 -17.60 13.16 4.31
C ILE A 66 -18.93 12.43 4.36
N THR A 67 -19.52 12.29 3.20
CA THR A 67 -20.74 11.50 3.07
C THR A 67 -20.30 10.11 2.69
N PHE A 68 -20.73 9.10 3.43
CA PHE A 68 -20.40 7.71 3.10
C PHE A 68 -21.64 7.01 2.58
N HIS A 69 -21.49 6.29 1.50
CA HIS A 69 -22.61 5.66 0.83
C HIS A 69 -22.20 4.24 0.51
N VAL A 70 -22.90 3.27 1.06
CA VAL A 70 -22.63 1.87 0.75
C VAL A 70 -23.55 1.47 -0.38
N LEU A 71 -22.99 1.00 -1.49
CA LEU A 71 -23.86 0.56 -2.57
C LEU A 71 -24.71 -0.65 -2.17
N PRO A 72 -25.93 -0.75 -2.73
CA PRO A 72 -26.73 -1.97 -2.57
C PRO A 72 -25.96 -3.20 -3.00
N PRO A 73 -26.16 -4.32 -2.33
CA PRO A 73 -25.38 -5.51 -2.66
C PRO A 73 -25.74 -6.10 -4.02
N VAL A 74 -24.75 -6.75 -4.64
CA VAL A 74 -24.91 -7.42 -5.92
C VAL A 74 -24.80 -8.94 -5.71
N PRO A 75 -25.46 -9.75 -6.54
CA PRO A 75 -25.33 -11.20 -6.39
C PRO A 75 -23.96 -11.69 -6.77
N TYR A 76 -23.46 -12.71 -6.04
CA TYR A 76 -22.14 -13.30 -6.33
C TYR A 76 -22.04 -14.75 -5.89
N ALA A 77 -23.08 -15.30 -5.25
CA ALA A 77 -22.97 -16.68 -4.77
C ALA A 77 -22.63 -17.65 -5.90
N ASP A 78 -23.05 -17.31 -7.11
CA ASP A 78 -22.77 -18.15 -8.26
C ASP A 78 -21.29 -18.19 -8.54
N LEU A 79 -20.57 -17.13 -8.21
CA LEU A 79 -19.14 -17.04 -8.44
C LEU A 79 -18.34 -17.64 -7.30
N ALA A 80 -18.94 -17.86 -6.12
CA ALA A 80 -18.19 -18.19 -4.91
C ALA A 80 -17.93 -19.68 -4.80
N VAL A 81 -17.25 -20.18 -5.82
CA VAL A 81 -17.03 -21.60 -5.94
C VAL A 81 -15.89 -22.00 -5.02
N PRO A 82 -15.89 -23.25 -4.54
CA PRO A 82 -14.83 -23.68 -3.63
C PRO A 82 -13.48 -23.50 -4.30
N GLY A 83 -12.55 -22.97 -3.54
CA GLY A 83 -11.18 -22.90 -3.99
C GLY A 83 -10.83 -21.67 -4.78
N LYS A 84 -11.80 -20.85 -5.15
CA LYS A 84 -11.48 -19.64 -5.88
C LYS A 84 -10.65 -18.71 -5.02
N HIS A 85 -9.56 -18.25 -5.59
CA HIS A 85 -8.74 -17.22 -4.98
C HIS A 85 -9.58 -16.04 -4.56
N HIS A 86 -9.42 -15.56 -3.32
CA HIS A 86 -10.33 -14.51 -2.87
C HIS A 86 -10.22 -13.24 -3.71
N PHE A 87 -9.05 -12.98 -4.28
CA PHE A 87 -8.89 -11.77 -5.08
C PHE A 87 -9.55 -11.90 -6.44
N LEU A 88 -9.59 -13.11 -7.02
CA LEU A 88 -10.32 -13.27 -8.26
C LEU A 88 -11.80 -12.97 -8.01
N LEU A 89 -12.35 -13.55 -6.92
CA LEU A 89 -13.75 -13.27 -6.59
C LEU A 89 -13.97 -11.77 -6.42
N THR A 90 -13.04 -11.10 -5.73
CA THR A 90 -13.16 -9.64 -5.53
C THR A 90 -13.15 -8.87 -6.83
N LEU A 91 -12.29 -9.23 -7.78
CA LEU A 91 -12.30 -8.54 -9.06
C LEU A 91 -13.61 -8.73 -9.79
N GLN A 92 -14.16 -9.93 -9.74
CA GLN A 92 -15.43 -10.21 -10.41
C GLN A 92 -16.57 -9.48 -9.76
N VAL A 93 -16.59 -9.45 -8.41
CA VAL A 93 -17.65 -8.76 -7.68
C VAL A 93 -17.58 -7.26 -7.99
N LEU A 94 -16.37 -6.70 -8.06
CA LEU A 94 -16.25 -5.24 -8.28
C LEU A 94 -16.78 -4.86 -9.68
N ARG A 95 -16.48 -5.68 -10.70
CA ARG A 95 -17.11 -5.44 -12.01
C ARG A 95 -18.64 -5.48 -11.92
N ARG A 96 -19.19 -6.38 -11.11
CA ARG A 96 -20.65 -6.47 -11.00
C ARG A 96 -21.29 -5.28 -10.31
N TYR A 97 -20.51 -4.47 -9.64
CA TYR A 97 -21.08 -3.31 -8.95
C TYR A 97 -21.29 -2.15 -9.88
N ASN A 98 -20.84 -2.21 -11.12
CA ASN A 98 -20.87 -1.00 -11.95
C ASN A 98 -22.29 -0.58 -12.32
N GLY A 99 -23.25 -1.49 -12.29
CA GLY A 99 -24.63 -1.07 -12.43
C GLY A 99 -25.09 -0.24 -11.25
N GLU A 100 -24.87 -0.74 -10.04
CA GLU A 100 -25.29 0.04 -8.86
C GLU A 100 -24.55 1.36 -8.82
N LEU A 101 -23.26 1.37 -9.21
CA LEU A 101 -22.51 2.64 -9.20
C LEU A 101 -23.14 3.65 -10.17
N GLU A 102 -23.47 3.21 -11.38
CA GLU A 102 -24.14 4.09 -12.33
C GLU A 102 -25.49 4.56 -11.83
N ARG A 103 -26.29 3.68 -11.20
CA ARG A 103 -27.56 4.18 -10.65
C ARG A 103 -27.31 5.26 -9.57
N PHE A 104 -26.32 5.04 -8.72
CA PHE A 104 -26.01 6.06 -7.74
C PHE A 104 -25.57 7.36 -8.41
N LEU A 105 -24.71 7.29 -9.43
CA LEU A 105 -24.16 8.52 -10.01
C LEU A 105 -25.25 9.30 -10.75
N ARG A 106 -26.17 8.60 -11.40
CA ARG A 106 -27.33 9.27 -12.00
C ARG A 106 -28.26 9.90 -10.98
N SER A 107 -28.19 9.50 -9.71
CA SER A 107 -29.05 10.09 -8.68
C SER A 107 -28.52 11.44 -8.20
N VAL A 108 -27.31 11.81 -8.55
CA VAL A 108 -26.67 13.05 -8.11
C VAL A 108 -26.96 14.08 -9.18
N PRO A 109 -27.35 15.30 -8.81
CA PRO A 109 -27.49 16.34 -9.84
C PRO A 109 -26.21 16.40 -10.65
N ARG A 110 -26.38 16.26 -11.96
CA ARG A 110 -25.23 16.04 -12.82
C ARG A 110 -24.25 17.19 -12.74
N GLU A 111 -24.76 18.43 -12.65
CA GLU A 111 -23.88 19.59 -12.71
C GLU A 111 -22.97 19.70 -11.50
N ARG A 112 -23.27 18.96 -10.44
CA ARG A 112 -22.51 19.03 -9.22
C ARG A 112 -21.33 18.07 -9.23
N LEU A 113 -21.24 17.17 -10.20
CA LEU A 113 -20.19 16.15 -10.17
C LEU A 113 -18.86 16.72 -10.67
N HIS A 114 -17.85 16.66 -9.82
CA HIS A 114 -16.52 17.18 -10.15
C HIS A 114 -15.74 16.12 -10.92
N SER A 115 -15.71 14.94 -10.34
CA SER A 115 -14.97 13.83 -10.94
C SER A 115 -15.36 12.58 -10.21
N LEU A 116 -14.94 11.45 -10.79
CA LEU A 116 -15.03 10.15 -10.17
C LEU A 116 -13.61 9.66 -9.99
N VAL A 117 -13.25 9.29 -8.76
CA VAL A 117 -11.89 8.81 -8.48
C VAL A 117 -12.02 7.38 -7.99
N VAL A 118 -11.43 6.45 -8.72
CA VAL A 118 -11.68 5.02 -8.50
C VAL A 118 -10.41 4.38 -7.99
N GLY A 119 -10.57 3.34 -7.17
CA GLY A 119 -9.40 2.57 -6.74
C GLY A 119 -8.79 1.79 -7.91
N MET A 120 -7.53 1.32 -7.71
CA MET A 120 -6.84 0.72 -8.84
C MET A 120 -7.36 -0.65 -9.19
N PHE A 121 -8.27 -1.24 -8.42
CA PHE A 121 -8.95 -2.47 -8.84
C PHE A 121 -10.44 -2.22 -9.10
N CYS A 122 -10.83 -0.93 -9.23
CA CYS A 122 -12.17 -0.48 -9.67
C CYS A 122 -12.12 0.30 -10.99
N THR A 123 -11.18 -0.06 -11.86
CA THR A 123 -10.88 0.71 -13.04
C THR A 123 -11.95 0.57 -14.10
N ASP A 124 -12.67 -0.56 -14.13
CA ASP A 124 -13.72 -0.70 -15.09
C ASP A 124 -14.83 0.32 -14.86
N ALA A 125 -14.89 0.94 -13.69
CA ALA A 125 -15.86 2.04 -13.49
C ALA A 125 -15.56 3.26 -14.35
N VAL A 126 -14.41 3.31 -15.03
CA VAL A 126 -14.20 4.35 -16.05
C VAL A 126 -15.25 4.36 -17.14
N ASP A 127 -15.78 3.19 -17.50
CA ASP A 127 -16.81 3.18 -18.52
C ASP A 127 -18.05 3.87 -18.02
N VAL A 128 -18.28 3.84 -16.72
CA VAL A 128 -19.49 4.49 -16.20
C VAL A 128 -19.32 6.00 -16.21
N GLY A 129 -18.15 6.49 -15.78
CA GLY A 129 -17.92 7.94 -15.84
C GLY A 129 -17.82 8.46 -17.25
N ALA A 130 -17.20 7.69 -18.15
CA ALA A 130 -17.12 8.09 -19.55
C ALA A 130 -18.52 8.31 -20.11
N LYS A 131 -19.44 7.37 -19.83
CA LYS A 131 -20.79 7.46 -20.39
C LYS A 131 -21.53 8.69 -19.86
N LEU A 132 -21.27 9.06 -18.61
CA LEU A 132 -21.96 10.18 -18.00
C LEU A 132 -21.27 11.51 -18.26
N GLY A 133 -20.13 11.50 -18.94
CA GLY A 133 -19.42 12.74 -19.14
C GLY A 133 -18.67 13.26 -17.91
N VAL A 134 -18.35 12.42 -16.95
CA VAL A 134 -17.66 12.83 -15.72
C VAL A 134 -16.20 12.41 -15.82
N PRO A 135 -15.25 13.30 -15.55
CA PRO A 135 -13.84 12.91 -15.59
C PRO A 135 -13.62 11.78 -14.59
N VAL A 136 -12.84 10.75 -14.97
CA VAL A 136 -12.50 9.63 -14.09
C VAL A 136 -10.98 9.59 -13.88
N TYR A 137 -10.58 9.39 -12.64
CA TYR A 137 -9.17 9.34 -12.27
C TYR A 137 -9.00 8.07 -11.50
N THR A 138 -7.88 7.40 -11.71
CA THR A 138 -7.52 6.31 -10.81
C THR A 138 -6.64 6.81 -9.70
N PHE A 139 -7.03 6.44 -8.47
CA PHE A 139 -6.20 6.63 -7.29
C PHE A 139 -5.30 5.40 -7.16
N PHE A 140 -4.01 5.59 -7.36
CA PHE A 140 -3.08 4.48 -7.40
C PHE A 140 -2.38 4.45 -6.03
N ALA A 141 -2.72 3.47 -5.23
CA ALA A 141 -2.36 3.37 -3.84
C ALA A 141 -1.02 2.72 -3.65
N SER A 142 -0.33 2.44 -4.73
CA SER A 142 1.00 1.84 -4.76
C SER A 142 2.03 2.83 -5.29
N ALA A 143 3.29 2.42 -5.33
CA ALA A 143 4.34 3.30 -5.82
C ALA A 143 4.14 3.72 -7.30
N ALA A 144 4.75 4.87 -7.66
CA ALA A 144 4.82 5.25 -9.05
C ALA A 144 5.61 4.22 -9.89
N ALA A 145 6.64 3.57 -9.28
CA ALA A 145 7.33 2.54 -10.05
C ALA A 145 6.41 1.37 -10.38
N THR A 146 5.51 1.04 -9.42
CA THR A 146 4.54 -0.05 -9.66
C THR A 146 3.60 0.33 -10.76
N LEU A 147 3.13 1.59 -10.77
CA LEU A 147 2.36 2.06 -11.92
C LEU A 147 3.13 1.92 -13.26
N ALA A 148 4.40 2.30 -13.29
CA ALA A 148 5.22 2.17 -14.49
C ALA A 148 5.36 0.70 -14.92
N VAL A 149 5.50 -0.21 -13.97
CA VAL A 149 5.46 -1.65 -14.27
C VAL A 149 4.12 -2.05 -14.88
N VAL A 150 3.01 -1.64 -14.26
CA VAL A 150 1.68 -2.04 -14.74
C VAL A 150 1.47 -1.57 -16.17
N ALA A 151 1.91 -0.35 -16.48
CA ALA A 151 1.71 0.21 -17.81
C ALA A 151 2.49 -0.59 -18.86
N GLN A 152 3.65 -1.12 -18.48
CA GLN A 152 4.53 -1.85 -19.38
C GLN A 152 4.34 -3.35 -19.35
N LEU A 153 3.46 -3.86 -18.51
CA LEU A 153 3.24 -5.31 -18.45
C LEU A 153 2.55 -5.89 -19.69
N PRO A 154 1.59 -5.19 -20.30
CA PRO A 154 1.02 -5.73 -21.56
C PRO A 154 2.09 -6.03 -22.58
N ALA A 155 3.02 -5.10 -22.79
CA ALA A 155 4.04 -5.32 -23.81
C ALA A 155 4.89 -6.53 -23.45
N LEU A 156 5.24 -6.66 -22.17
CA LEU A 156 6.08 -7.77 -21.73
C LEU A 156 5.37 -9.11 -21.90
N LEU A 157 4.08 -9.15 -21.61
CA LEU A 157 3.36 -10.40 -21.67
C LEU A 157 2.92 -10.81 -23.08
N SER A 158 2.86 -9.86 -24.02
CA SER A 158 2.23 -10.13 -25.33
C SER A 158 2.94 -11.24 -26.10
N GLY A 159 4.27 -11.20 -26.19
CA GLY A 159 4.91 -12.20 -27.00
C GLY A 159 5.10 -13.59 -26.39
N ARG A 160 4.59 -13.82 -25.17
CA ARG A 160 5.04 -14.94 -24.34
C ARG A 160 4.19 -16.20 -24.50
N ARG A 161 4.87 -17.34 -24.56
CA ARG A 161 4.23 -18.65 -24.63
C ARG A 161 4.31 -19.37 -23.30
N ALA A 162 4.95 -18.76 -22.30
CA ALA A 162 5.02 -19.33 -20.97
C ALA A 162 4.90 -18.20 -19.95
N GLY A 163 4.53 -18.57 -18.73
CA GLY A 163 4.50 -17.59 -17.64
C GLY A 163 5.89 -17.06 -17.28
N LEU A 164 5.88 -15.85 -16.74
CA LEU A 164 7.13 -15.26 -16.24
C LEU A 164 7.78 -16.08 -15.13
N LYS A 165 7.06 -17.00 -14.51
CA LYS A 165 7.71 -17.89 -13.58
C LYS A 165 8.91 -18.63 -14.22
N GLU A 166 8.89 -18.82 -15.54
N GLU A 166 8.90 -18.82 -15.54
CA GLU A 166 10.00 -19.53 -16.18
CA GLU A 166 10.00 -19.53 -16.16
C GLU A 166 11.30 -18.77 -16.03
C GLU A 166 11.32 -18.76 -16.06
N LEU A 167 11.26 -17.45 -15.79
CA LEU A 167 12.48 -16.70 -15.68
C LEU A 167 13.19 -16.84 -14.33
N GLY A 168 12.57 -17.47 -13.32
CA GLY A 168 13.28 -17.60 -12.03
C GLY A 168 13.55 -16.22 -11.46
N ASP A 169 14.77 -16.03 -10.97
CA ASP A 169 15.15 -14.72 -10.39
C ASP A 169 15.78 -13.77 -11.41
N THR A 170 15.77 -14.15 -12.70
CA THR A 170 16.31 -13.31 -13.75
C THR A 170 15.71 -11.93 -13.66
N PRO A 171 16.50 -10.88 -13.72
CA PRO A 171 15.94 -9.54 -13.51
C PRO A 171 14.94 -9.16 -14.61
N LEU A 172 13.87 -8.48 -14.20
CA LEU A 172 13.02 -7.73 -15.10
C LEU A 172 13.38 -6.25 -15.09
N GLN A 173 13.37 -5.67 -16.29
CA GLN A 173 13.80 -4.29 -16.56
C GLN A 173 12.64 -3.47 -17.11
N PHE A 174 12.10 -2.54 -16.34
CA PHE A 174 11.09 -1.63 -16.85
C PHE A 174 11.60 -0.19 -16.86
N LEU A 175 11.09 0.60 -17.82
CA LEU A 175 11.54 2.00 -17.94
C LEU A 175 11.24 2.75 -16.66
N GLY A 176 12.23 3.36 -16.05
CA GLY A 176 12.00 4.18 -14.85
C GLY A 176 11.97 3.42 -13.53
N VAL A 177 12.25 2.13 -13.54
CA VAL A 177 12.04 1.24 -12.41
C VAL A 177 13.34 0.53 -12.09
N PRO A 178 13.70 0.41 -10.79
CA PRO A 178 14.88 -0.44 -10.41
C PRO A 178 14.68 -1.83 -10.98
N PRO A 179 15.70 -2.49 -11.51
CA PRO A 179 15.53 -3.92 -11.85
C PRO A 179 15.10 -4.72 -10.62
N PHE A 180 14.29 -5.76 -10.83
CA PHE A 180 13.93 -6.62 -9.72
C PHE A 180 13.80 -8.03 -10.25
N PRO A 181 13.99 -9.06 -9.42
CA PRO A 181 13.93 -10.42 -9.97
C PRO A 181 12.53 -10.69 -10.48
N ALA A 182 12.45 -11.47 -11.57
CA ALA A 182 11.10 -11.78 -12.11
C ALA A 182 10.21 -12.43 -11.07
N SER A 183 10.79 -13.29 -10.22
CA SER A 183 10.03 -13.96 -9.19
C SER A 183 9.39 -13.02 -8.20
N HIS A 184 9.86 -11.78 -8.12
CA HIS A 184 9.35 -10.80 -7.19
C HIS A 184 8.18 -10.00 -7.77
N LEU A 185 7.88 -10.15 -9.05
CA LEU A 185 6.63 -9.61 -9.60
C LEU A 185 5.48 -10.16 -8.76
N VAL A 186 4.39 -9.41 -8.62
CA VAL A 186 3.19 -9.97 -7.99
C VAL A 186 3.02 -11.43 -8.43
N ARG A 187 2.86 -12.35 -7.46
CA ARG A 187 3.02 -13.79 -7.70
C ARG A 187 2.00 -14.31 -8.71
N GLU A 188 0.79 -13.77 -8.61
CA GLU A 188 -0.28 -14.17 -9.50
C GLU A 188 0.01 -13.85 -10.96
N LEU A 189 0.88 -12.88 -11.24
CA LEU A 189 1.21 -12.46 -12.60
C LEU A 189 2.35 -13.29 -13.18
N LEU A 190 2.80 -14.33 -12.47
CA LEU A 190 3.85 -15.20 -12.95
C LEU A 190 3.31 -16.36 -13.77
N GLU A 191 1.99 -16.54 -13.75
CA GLU A 191 1.34 -17.54 -14.54
C GLU A 191 1.10 -16.98 -15.94
N HIS A 192 1.01 -17.88 -16.92
CA HIS A 192 0.61 -17.45 -18.26
C HIS A 192 -0.81 -16.87 -18.16
N PRO A 193 -1.09 -15.78 -18.81
CA PRO A 193 -2.48 -15.27 -18.74
C PRO A 193 -3.50 -16.24 -19.27
N ASP A 194 -3.13 -17.00 -20.32
N ASP A 194 -3.14 -17.00 -20.31
CA ASP A 194 -4.03 -17.97 -20.92
CA ASP A 194 -4.07 -17.94 -20.90
C ASP A 194 -4.21 -19.19 -20.05
C ASP A 194 -4.17 -19.22 -20.10
N ASP A 195 -3.35 -19.40 -19.07
CA ASP A 195 -3.44 -20.60 -18.24
C ASP A 195 -4.12 -20.33 -16.90
N ASP A 196 -4.40 -19.07 -16.61
CA ASP A 196 -4.80 -18.74 -15.24
C ASP A 196 -5.69 -17.52 -15.28
N GLU A 197 -6.95 -17.75 -14.93
CA GLU A 197 -7.97 -16.72 -15.05
C GLU A 197 -7.62 -15.52 -14.18
N LEU A 198 -7.04 -15.79 -12.99
CA LEU A 198 -6.67 -14.67 -12.12
C LEU A 198 -5.62 -13.79 -12.78
N CYS A 199 -4.60 -14.39 -13.41
CA CYS A 199 -3.59 -13.54 -14.05
C CYS A 199 -4.21 -12.66 -15.13
N LYS A 200 -5.04 -13.26 -15.99
CA LYS A 200 -5.62 -12.52 -17.10
C LYS A 200 -6.53 -11.43 -16.57
N THR A 201 -7.41 -11.79 -15.63
CA THR A 201 -8.32 -10.80 -15.08
C THR A 201 -7.57 -9.69 -14.36
N MET A 202 -6.55 -10.03 -13.54
CA MET A 202 -5.85 -8.99 -12.78
C MET A 202 -5.10 -8.02 -13.71
N VAL A 203 -4.45 -8.53 -14.75
CA VAL A 203 -3.81 -7.67 -15.73
C VAL A 203 -4.84 -6.79 -16.45
N ASP A 204 -5.95 -7.40 -16.85
CA ASP A 204 -6.96 -6.67 -17.60
C ASP A 204 -7.58 -5.55 -16.77
N VAL A 205 -7.76 -5.79 -15.46
CA VAL A 205 -8.25 -4.74 -14.59
C VAL A 205 -7.15 -3.71 -14.34
N TRP A 206 -6.01 -4.19 -13.84
CA TRP A 206 -5.03 -3.24 -13.34
C TRP A 206 -4.53 -2.31 -14.46
N LYS A 207 -4.39 -2.85 -15.68
CA LYS A 207 -3.84 -2.08 -16.78
C LYS A 207 -4.76 -0.92 -17.13
N ARG A 208 -6.03 -0.96 -16.72
CA ARG A 208 -6.92 0.13 -17.09
C ARG A 208 -6.78 1.35 -16.19
N CYS A 209 -5.83 1.33 -15.24
N CYS A 209 -5.84 1.35 -15.24
CA CYS A 209 -5.54 2.51 -14.43
CA CYS A 209 -5.62 2.54 -14.44
C CYS A 209 -5.25 3.73 -15.29
C CYS A 209 -5.19 3.73 -15.26
N THR A 210 -4.77 3.52 -16.51
CA THR A 210 -4.37 4.63 -17.39
C THR A 210 -5.43 4.96 -18.44
N ASP A 211 -6.63 4.37 -18.32
CA ASP A 211 -7.67 4.57 -19.32
C ASP A 211 -8.61 5.74 -19.05
N GLY A 212 -8.40 6.44 -17.95
CA GLY A 212 -9.22 7.57 -17.59
C GLY A 212 -8.56 8.89 -17.93
N SER A 213 -8.99 9.94 -17.20
CA SER A 213 -8.50 11.28 -17.42
C SER A 213 -7.14 11.52 -16.79
N GLY A 214 -6.70 10.66 -15.87
CA GLY A 214 -5.42 10.84 -15.23
C GLY A 214 -5.28 9.88 -14.07
N VAL A 215 -4.12 9.95 -13.43
CA VAL A 215 -3.84 9.08 -12.29
C VAL A 215 -3.34 9.93 -11.13
N LEU A 216 -3.95 9.75 -9.95
CA LEU A 216 -3.50 10.35 -8.69
C LEU A 216 -2.68 9.24 -8.01
N VAL A 217 -1.37 9.45 -7.88
CA VAL A 217 -0.50 8.44 -7.24
C VAL A 217 -0.12 8.85 -5.85
N ASN A 218 -0.20 7.89 -4.91
CA ASN A 218 0.17 8.16 -3.53
C ASN A 218 1.67 8.00 -3.33
N THR A 219 2.36 9.04 -3.81
CA THR A 219 3.81 9.08 -3.70
C THR A 219 4.20 10.53 -3.82
N PHE A 220 5.46 10.80 -3.60
CA PHE A 220 6.00 12.11 -3.90
C PHE A 220 7.05 12.01 -4.97
N GLU A 221 7.07 13.01 -5.86
CA GLU A 221 7.88 12.90 -7.06
C GLU A 221 9.38 12.70 -6.77
N SER A 222 9.94 13.42 -5.78
CA SER A 222 11.37 13.26 -5.55
C SER A 222 11.76 11.87 -5.07
N LEU A 223 10.83 11.07 -4.60
CA LEU A 223 11.15 9.71 -4.21
C LEU A 223 11.33 8.82 -5.42
N GLU A 224 10.65 9.13 -6.52
CA GLU A 224 10.48 8.19 -7.66
C GLU A 224 10.63 8.94 -8.98
N SER A 225 11.60 9.85 -9.07
N SER A 225 11.61 9.86 -9.07
CA SER A 225 11.67 10.74 -10.22
CA SER A 225 11.67 10.74 -10.24
C SER A 225 11.83 9.96 -11.52
C SER A 225 11.81 9.94 -11.52
N PRO A 226 12.64 8.91 -11.59
CA PRO A 226 12.73 8.16 -12.85
C PRO A 226 11.41 7.56 -13.28
N ALA A 227 10.59 7.07 -12.31
CA ALA A 227 9.32 6.43 -12.69
C ALA A 227 8.31 7.45 -13.17
N VAL A 228 8.26 8.61 -12.51
CA VAL A 228 7.44 9.70 -13.00
C VAL A 228 7.88 10.19 -14.38
N GLN A 229 9.18 10.30 -14.63
CA GLN A 229 9.64 10.63 -15.96
C GLN A 229 9.23 9.57 -16.99
N ALA A 230 9.35 8.30 -16.63
CA ALA A 230 9.00 7.27 -17.57
C ALA A 230 7.55 7.33 -17.97
N LEU A 231 6.68 7.61 -17.02
CA LEU A 231 5.25 7.69 -17.30
C LEU A 231 4.92 8.81 -18.26
N ARG A 232 5.82 9.81 -18.45
CA ARG A 232 5.59 10.88 -19.43
C ARG A 232 6.41 10.68 -20.69
N ASP A 233 7.10 9.58 -20.81
CA ASP A 233 8.03 9.33 -21.88
C ASP A 233 7.31 8.57 -22.98
N PRO A 234 7.39 9.00 -24.23
CA PRO A 234 6.59 8.35 -25.29
C PRO A 234 6.90 6.88 -25.52
N ARG A 235 8.08 6.44 -25.15
CA ARG A 235 8.42 5.03 -25.26
C ARG A 235 7.78 4.19 -24.17
N CYS A 236 7.16 4.79 -23.15
CA CYS A 236 6.73 3.96 -22.04
C CYS A 236 5.79 2.85 -22.54
N VAL A 237 4.80 3.22 -23.33
CA VAL A 237 3.80 2.33 -23.90
C VAL A 237 3.69 2.75 -25.37
N PRO A 238 4.48 2.12 -26.24
CA PRO A 238 4.55 2.54 -27.65
C PRO A 238 3.18 2.62 -28.28
N GLY A 239 2.95 3.67 -29.06
CA GLY A 239 1.69 3.81 -29.72
C GLY A 239 0.59 4.32 -28.84
N ARG A 240 0.93 4.86 -27.66
CA ARG A 240 -0.07 5.33 -26.74
C ARG A 240 0.49 6.53 -25.97
N VAL A 241 -0.37 7.54 -25.74
CA VAL A 241 -0.01 8.66 -24.87
C VAL A 241 -0.72 8.44 -23.53
N LEU A 242 0.03 8.35 -22.43
CA LEU A 242 -0.61 8.11 -21.16
C LEU A 242 -1.22 9.42 -20.66
N PRO A 243 -2.30 9.33 -19.89
CA PRO A 243 -2.89 10.53 -19.31
C PRO A 243 -1.97 11.10 -18.24
N PRO A 244 -2.27 12.27 -17.77
CA PRO A 244 -1.44 12.91 -16.77
C PRO A 244 -1.41 12.11 -15.46
N VAL A 245 -0.21 12.04 -14.88
CA VAL A 245 0.05 11.48 -13.56
C VAL A 245 0.35 12.60 -12.58
N TYR A 246 -0.32 12.57 -11.46
CA TYR A 246 -0.15 13.55 -10.40
C TYR A 246 0.33 12.89 -9.11
N CYS A 247 1.52 13.27 -8.66
CA CYS A 247 2.03 12.74 -7.41
C CYS A 247 1.51 13.63 -6.28
N VAL A 248 0.55 13.11 -5.53
CA VAL A 248 -0.15 13.90 -4.49
C VAL A 248 0.11 13.44 -3.08
N GLY A 249 1.10 12.55 -2.85
CA GLY A 249 1.39 12.05 -1.54
C GLY A 249 2.64 12.66 -0.93
N PRO A 250 3.10 12.08 0.17
CA PRO A 250 2.48 10.95 0.83
C PRO A 250 1.22 11.26 1.60
N LEU A 251 0.14 10.52 1.30
CA LEU A 251 -1.14 10.62 2.00
C LEU A 251 -1.15 9.52 3.04
N ILE A 252 -0.98 9.95 4.29
N ILE A 252 -1.01 9.93 4.30
CA ILE A 252 -0.80 9.11 5.46
CA ILE A 252 -0.82 9.02 5.41
C ILE A 252 -1.97 9.36 6.40
C ILE A 252 -1.85 9.34 6.47
N GLY A 253 -2.55 8.31 6.93
CA GLY A 253 -3.70 8.44 7.81
C GLY A 253 -3.36 7.91 9.15
N GLU A 265 -12.28 -0.68 20.84
CA GLU A 265 -12.04 -0.50 22.27
C GLU A 265 -10.72 -1.14 22.69
N ARG A 266 -10.63 -2.45 22.50
CA ARG A 266 -9.36 -3.14 22.74
C ARG A 266 -8.22 -2.45 22.01
N ALA A 267 -8.47 -2.04 20.76
CA ALA A 267 -7.46 -1.32 20.01
C ALA A 267 -7.15 0.03 20.66
N ALA A 268 -8.16 0.68 21.23
CA ALA A 268 -7.92 1.96 21.90
C ALA A 268 -6.98 1.77 23.08
N GLU A 269 -7.16 0.67 23.83
CA GLU A 269 -6.33 0.42 24.99
C GLU A 269 -4.92 0.07 24.54
N THR A 270 -4.82 -0.76 23.51
CA THR A 270 -3.52 -1.11 22.97
C THR A 270 -2.76 0.13 22.50
N ARG A 271 -3.47 1.04 21.82
CA ARG A 271 -2.79 2.25 21.36
C ARG A 271 -2.27 3.05 22.55
N HIS A 272 -3.13 3.24 23.56
CA HIS A 272 -2.69 3.95 24.75
C HIS A 272 -1.45 3.31 25.36
N GLU A 273 -1.46 1.98 25.54
N GLU A 273 -1.46 1.98 25.57
CA GLU A 273 -0.30 1.27 26.12
CA GLU A 273 -0.30 1.26 26.10
C GLU A 273 0.96 1.50 25.29
C GLU A 273 0.96 1.54 25.29
N CYS A 274 0.84 1.45 23.96
CA CYS A 274 1.98 1.58 23.05
C CYS A 274 2.63 2.93 23.21
N LEU A 275 1.81 3.99 23.11
CA LEU A 275 2.42 5.30 22.97
C LEU A 275 2.98 5.80 24.30
N ALA A 276 2.32 5.46 25.42
CA ALA A 276 2.80 5.79 26.76
C ALA A 276 4.11 5.07 27.03
N TRP A 277 4.26 3.85 26.50
CA TRP A 277 5.51 3.13 26.72
C TRP A 277 6.62 3.75 25.89
N LEU A 278 6.32 4.07 24.65
CA LEU A 278 7.33 4.64 23.76
C LEU A 278 7.84 5.96 24.33
N ASP A 279 6.93 6.72 24.93
CA ASP A 279 7.34 7.97 25.51
C ASP A 279 8.42 7.81 26.55
N GLU A 280 8.62 6.62 27.10
CA GLU A 280 9.63 6.46 28.14
C GLU A 280 10.95 5.88 27.64
N GLN A 281 11.08 5.68 26.32
CA GLN A 281 12.24 5.07 25.72
C GLN A 281 13.17 6.14 25.17
N PRO A 282 14.46 5.83 25.11
CA PRO A 282 15.39 6.73 24.43
C PRO A 282 15.12 6.92 22.94
N GLU A 283 15.59 8.06 22.45
CA GLU A 283 15.45 8.38 21.04
C GLU A 283 16.08 7.29 20.16
N ASN A 284 15.37 6.95 19.09
CA ASN A 284 15.85 6.06 18.04
C ASN A 284 16.26 4.70 18.57
N SER A 285 15.64 4.27 19.63
CA SER A 285 16.06 3.05 20.29
C SER A 285 15.19 1.84 19.99
N VAL A 286 13.98 2.04 19.50
CA VAL A 286 13.01 0.94 19.51
C VAL A 286 12.89 0.36 18.12
N VAL A 287 13.00 -0.97 17.99
CA VAL A 287 12.61 -1.71 16.78
C VAL A 287 11.10 -2.01 16.81
N PHE A 288 10.31 -1.41 15.89
CA PHE A 288 8.89 -1.74 15.77
C PHE A 288 8.69 -2.85 14.77
N LEU A 289 7.86 -3.84 15.12
CA LEU A 289 7.52 -4.97 14.26
C LEU A 289 6.03 -5.02 14.05
N CYS A 290 5.60 -4.89 12.79
CA CYS A 290 4.18 -4.87 12.48
C CYS A 290 3.98 -5.20 11.00
N PHE A 291 3.12 -6.15 10.71
CA PHE A 291 3.09 -6.79 9.40
C PHE A 291 1.75 -6.67 8.69
N GLY A 292 1.33 -5.46 8.38
CA GLY A 292 0.18 -5.29 7.51
C GLY A 292 -1.16 -5.51 8.18
N SER A 293 -2.17 -5.26 7.35
CA SER A 293 -3.50 -5.39 7.86
C SER A 293 -3.90 -6.83 8.03
N ARG A 294 -3.19 -7.78 7.37
CA ARG A 294 -3.63 -9.14 7.59
C ARG A 294 -2.55 -10.22 7.52
N CYS A 295 -1.28 -9.91 7.35
CA CYS A 295 -0.26 -10.96 7.38
C CYS A 295 -0.15 -11.53 8.78
N ALA A 296 0.17 -12.83 8.89
CA ALA A 296 0.37 -13.46 10.17
C ALA A 296 1.51 -14.46 10.03
N HIS A 297 2.45 -14.42 10.96
CA HIS A 297 3.53 -15.40 10.99
C HIS A 297 3.04 -16.69 11.63
N SER A 298 3.65 -17.82 11.22
CA SER A 298 3.35 -19.05 11.93
C SER A 298 3.86 -19.00 13.39
N ALA A 299 3.25 -19.84 14.24
CA ALA A 299 3.73 -19.95 15.62
C ALA A 299 5.23 -20.22 15.64
N GLU A 300 5.69 -21.15 14.80
CA GLU A 300 7.11 -21.46 14.77
C GLU A 300 7.94 -20.24 14.39
N GLN A 301 7.45 -19.47 13.41
CA GLN A 301 8.19 -18.26 13.03
C GLN A 301 8.16 -17.22 14.15
N LEU A 302 7.03 -17.04 14.82
CA LEU A 302 6.97 -16.05 15.92
C LEU A 302 8.04 -16.35 16.98
N ARG A 303 8.16 -17.62 17.38
CA ARG A 303 9.16 -18.02 18.34
C ARG A 303 10.55 -17.67 17.85
N GLY A 304 10.82 -17.98 16.59
CA GLY A 304 12.08 -17.61 15.97
C GLY A 304 12.36 -16.12 15.98
N ILE A 305 11.35 -15.29 15.66
CA ILE A 305 11.55 -13.85 15.76
C ILE A 305 11.90 -13.47 17.20
N ALA A 306 11.14 -14.01 18.16
CA ALA A 306 11.34 -13.64 19.57
C ALA A 306 12.77 -13.93 20.00
N VAL A 307 13.31 -15.06 19.54
CA VAL A 307 14.64 -15.44 19.99
C VAL A 307 15.66 -14.47 19.40
N GLY A 308 15.49 -14.12 18.13
CA GLY A 308 16.39 -13.17 17.50
C GLY A 308 16.28 -11.80 18.15
N LEU A 309 15.03 -11.31 18.34
CA LEU A 309 14.82 -10.03 19.05
C LEU A 309 15.48 -10.00 20.43
N GLU A 310 15.27 -11.04 21.24
CA GLU A 310 15.84 -11.06 22.56
C GLU A 310 17.34 -10.99 22.46
N ARG A 311 17.92 -11.85 21.59
CA ARG A 311 19.37 -11.91 21.41
C ARG A 311 19.96 -10.58 20.95
N SER A 312 19.18 -9.76 20.23
CA SER A 312 19.76 -8.54 19.73
C SER A 312 20.04 -7.50 20.80
N GLY A 313 19.41 -7.62 21.99
CA GLY A 313 19.58 -6.67 23.07
C GLY A 313 18.91 -5.34 22.86
N GLN A 314 18.21 -5.18 21.72
CA GLN A 314 17.56 -3.90 21.44
C GLN A 314 16.17 -3.81 22.02
N ARG A 315 15.73 -2.56 22.22
CA ARG A 315 14.37 -2.31 22.61
C ARG A 315 13.43 -2.57 21.44
N PHE A 316 12.21 -3.00 21.75
CA PHE A 316 11.29 -3.38 20.68
C PHE A 316 9.85 -3.17 21.12
N LEU A 317 8.98 -2.91 20.11
CA LEU A 317 7.52 -2.85 20.26
C LEU A 317 7.00 -3.75 19.16
N TRP A 318 6.30 -4.84 19.52
CA TRP A 318 6.00 -5.94 18.60
C TRP A 318 4.50 -6.20 18.63
N SER A 319 3.83 -5.94 17.48
CA SER A 319 2.40 -6.18 17.26
C SER A 319 2.25 -7.59 16.68
N VAL A 320 1.63 -8.49 17.45
CA VAL A 320 1.54 -9.91 17.10
C VAL A 320 0.09 -10.28 16.81
N ARG A 321 -0.13 -10.96 15.68
CA ARG A 321 -1.41 -11.62 15.41
C ARG A 321 -1.38 -13.10 15.79
N THR A 322 -2.47 -13.63 16.31
CA THR A 322 -2.44 -15.04 16.67
C THR A 322 -2.31 -15.88 15.38
N PRO A 323 -1.49 -16.92 15.39
CA PRO A 323 -1.11 -17.61 14.15
C PRO A 323 -2.25 -17.94 13.19
N ALA A 324 -1.93 -17.77 11.91
CA ALA A 324 -2.82 -18.01 10.78
C ALA A 324 -2.00 -17.92 9.49
N ALA A 335 2.84 -20.04 24.11
CA ALA A 335 3.16 -20.97 23.03
C ALA A 335 3.74 -20.18 21.86
N LEU A 336 3.30 -18.93 21.73
CA LEU A 336 3.84 -18.08 20.69
C LEU A 336 5.29 -17.73 20.98
N PHE A 337 5.66 -17.68 22.26
CA PHE A 337 7.00 -17.22 22.62
C PHE A 337 7.72 -18.22 23.49
N PRO A 338 9.04 -18.19 23.46
CA PRO A 338 9.79 -19.00 24.43
C PRO A 338 9.40 -18.70 25.87
N GLU A 339 9.54 -19.71 26.73
CA GLU A 339 9.25 -19.52 28.13
C GLU A 339 10.10 -18.38 28.72
N GLY A 340 9.45 -17.48 29.46
CA GLY A 340 10.16 -16.41 30.12
C GLY A 340 10.59 -15.25 29.24
N PHE A 341 10.29 -15.32 27.95
CA PHE A 341 10.72 -14.28 27.01
C PHE A 341 10.11 -12.94 27.42
N LEU A 342 8.84 -12.93 27.78
CA LEU A 342 8.19 -11.67 28.14
C LEU A 342 8.78 -11.09 29.43
N GLN A 343 9.02 -11.96 30.42
CA GLN A 343 9.55 -11.50 31.69
C GLN A 343 10.96 -10.97 31.50
N ARG A 344 11.78 -11.65 30.67
CA ARG A 344 13.19 -11.30 30.60
C ARG A 344 13.36 -9.97 29.88
N THR A 345 12.42 -9.65 28.97
CA THR A 345 12.52 -8.50 28.09
C THR A 345 11.66 -7.34 28.62
N LYS A 346 11.07 -7.51 29.81
CA LYS A 346 10.07 -6.55 30.31
C LYS A 346 10.62 -5.15 30.46
N ASP A 347 11.92 -4.99 30.65
CA ASP A 347 12.42 -3.63 30.77
C ASP A 347 12.89 -3.04 29.44
N ARG A 348 12.83 -3.78 28.33
CA ARG A 348 13.26 -3.21 27.04
C ARG A 348 12.28 -3.46 25.91
N GLY A 349 11.26 -4.29 26.10
CA GLY A 349 10.36 -4.62 25.03
C GLY A 349 8.91 -4.67 25.45
N LEU A 350 8.03 -4.41 24.48
CA LEU A 350 6.60 -4.46 24.71
C LEU A 350 5.99 -5.26 23.55
N VAL A 351 5.22 -6.30 23.92
CA VAL A 351 4.48 -7.09 22.95
C VAL A 351 3.01 -6.82 23.12
N VAL A 352 2.35 -6.47 22.00
CA VAL A 352 0.92 -6.25 22.00
C VAL A 352 0.24 -7.13 20.98
N ARG A 353 -1.08 -7.27 21.13
CA ARG A 353 -1.89 -8.11 20.26
C ARG A 353 -2.56 -7.33 19.13
N SER A 354 -2.36 -7.83 17.90
CA SER A 354 -3.22 -7.77 16.73
C SER A 354 -3.24 -6.45 15.99
N TRP A 355 -3.58 -5.29 16.63
CA TRP A 355 -3.64 -4.01 15.87
C TRP A 355 -3.00 -2.88 16.67
N ALA A 356 -1.93 -2.33 16.11
CA ALA A 356 -1.14 -1.32 16.73
C ALA A 356 -1.33 0.04 16.03
N PRO A 357 -1.10 1.18 16.79
CA PRO A 357 -1.15 2.51 16.15
C PRO A 357 0.08 2.80 15.29
N GLN A 358 0.17 2.11 14.13
CA GLN A 358 1.42 2.06 13.39
C GLN A 358 1.93 3.43 12.98
N VAL A 359 1.07 4.29 12.41
CA VAL A 359 1.56 5.56 11.93
C VAL A 359 2.19 6.37 13.09
N GLU A 360 1.51 6.42 14.23
CA GLU A 360 1.98 7.18 15.38
C GLU A 360 3.24 6.56 15.96
N VAL A 361 3.32 5.23 15.94
CA VAL A 361 4.58 4.60 16.37
C VAL A 361 5.74 4.99 15.44
N LEU A 362 5.53 4.93 14.13
CA LEU A 362 6.63 5.17 13.20
C LEU A 362 7.17 6.57 13.36
N ARG A 363 6.31 7.56 13.58
CA ARG A 363 6.81 8.90 13.72
C ARG A 363 7.30 9.22 15.11
N HIS A 364 7.18 8.31 16.07
CA HIS A 364 7.61 8.59 17.42
C HIS A 364 9.15 8.70 17.45
N PRO A 365 9.70 9.75 18.04
CA PRO A 365 11.17 9.88 18.07
C PRO A 365 11.90 8.70 18.69
N SER A 366 11.25 7.86 19.50
CA SER A 366 11.91 6.69 20.11
C SER A 366 12.04 5.52 19.12
N THR A 367 11.35 5.57 18.04
CA THR A 367 11.42 4.47 17.06
C THR A 367 12.65 4.58 16.20
N GLY A 368 13.44 3.49 16.18
CA GLY A 368 14.67 3.43 15.40
C GLY A 368 14.74 2.53 14.19
N ALA A 369 13.81 1.60 14.07
CA ALA A 369 13.76 0.65 12.95
C ALA A 369 12.37 0.08 12.85
N PHE A 370 12.03 -0.48 11.69
CA PHE A 370 10.70 -1.02 11.38
C PHE A 370 10.88 -2.30 10.62
N MET A 371 10.46 -3.41 11.22
CA MET A 371 10.42 -4.73 10.59
C MET A 371 8.98 -4.81 10.02
N THR A 372 8.93 -4.81 8.69
CA THR A 372 7.72 -4.53 7.92
C THR A 372 7.46 -5.63 6.90
N HIS A 373 6.18 -5.77 6.50
CA HIS A 373 5.81 -6.60 5.33
C HIS A 373 5.90 -5.88 3.98
N CYS A 374 6.27 -4.57 3.95
CA CYS A 374 6.64 -3.83 2.76
C CYS A 374 5.38 -3.53 1.96
N GLY A 375 4.19 -3.55 2.58
CA GLY A 375 3.05 -2.90 1.92
C GLY A 375 3.37 -1.45 1.62
N TRP A 376 2.68 -0.89 0.62
CA TRP A 376 3.08 0.45 0.20
C TRP A 376 2.72 1.49 1.25
N ASN A 377 1.54 1.41 1.85
CA ASN A 377 1.23 2.40 2.90
C ASN A 377 2.26 2.32 4.02
N SER A 378 2.61 1.10 4.44
CA SER A 378 3.58 0.94 5.50
C SER A 378 4.93 1.51 5.09
N THR A 379 5.32 1.29 3.87
CA THR A 379 6.57 1.81 3.32
C THR A 379 6.56 3.32 3.31
N LEU A 380 5.49 3.91 2.76
CA LEU A 380 5.39 5.38 2.83
C LEU A 380 5.38 5.93 4.24
N GLU A 381 4.67 5.29 5.18
CA GLU A 381 4.64 5.71 6.57
C GLU A 381 6.05 5.75 7.15
N ALA A 382 6.85 4.73 6.89
CA ALA A 382 8.19 4.69 7.42
C ALA A 382 9.10 5.72 6.73
N ILE A 383 8.96 5.87 5.42
CA ILE A 383 9.75 6.84 4.68
C ILE A 383 9.47 8.22 5.24
N THR A 384 8.19 8.55 5.38
CA THR A 384 7.82 9.88 5.89
C THR A 384 8.27 10.12 7.32
N ALA A 385 8.43 9.09 8.14
CA ALA A 385 8.91 9.18 9.48
C ALA A 385 10.43 9.13 9.61
N GLY A 386 11.13 8.72 8.53
CA GLY A 386 12.56 8.63 8.59
C GLY A 386 13.06 7.37 9.26
N VAL A 387 12.30 6.28 9.21
CA VAL A 387 12.66 5.07 9.95
C VAL A 387 13.19 4.02 8.96
N PRO A 388 14.39 3.50 9.17
CA PRO A 388 14.88 2.44 8.27
C PRO A 388 14.16 1.11 8.48
N MET A 389 14.15 0.29 7.44
CA MET A 389 13.25 -0.86 7.33
C MET A 389 14.03 -2.16 7.35
N LEU A 390 13.43 -3.15 8.00
CA LEU A 390 13.86 -4.55 7.87
C LEU A 390 12.73 -5.22 7.08
N CYS A 391 13.05 -5.64 5.87
CA CYS A 391 12.02 -5.96 4.84
C CYS A 391 11.64 -7.44 4.92
N TRP A 392 10.36 -7.72 5.11
CA TRP A 392 9.85 -9.10 5.19
C TRP A 392 8.57 -9.16 4.33
N PRO A 393 8.71 -9.13 3.01
CA PRO A 393 7.52 -9.07 2.13
C PRO A 393 6.83 -10.42 2.09
N PHE A 394 5.49 -10.39 1.94
CA PHE A 394 4.69 -11.60 1.89
C PHE A 394 4.06 -11.83 0.52
N TYR A 395 3.34 -10.84 0.01
CA TYR A 395 2.43 -11.06 -1.11
C TYR A 395 2.16 -9.75 -1.85
N ALA A 396 1.21 -9.75 -2.79
CA ALA A 396 0.93 -8.54 -3.61
C ALA A 396 2.22 -7.99 -4.18
N GLU A 397 2.41 -6.66 -4.22
CA GLU A 397 3.62 -6.10 -4.76
C GLU A 397 4.64 -5.82 -3.67
N GLN A 398 4.52 -6.52 -2.56
CA GLN A 398 5.43 -6.30 -1.43
C GLN A 398 6.85 -6.73 -1.75
N LEU A 399 7.02 -7.79 -2.51
CA LEU A 399 8.38 -8.17 -2.88
C LEU A 399 9.02 -7.19 -3.81
N MET A 400 8.24 -6.53 -4.65
CA MET A 400 8.76 -5.43 -5.47
C MET A 400 9.18 -4.24 -4.57
N ASN A 401 8.27 -3.87 -3.62
CA ASN A 401 8.57 -2.82 -2.70
C ASN A 401 9.85 -3.11 -1.95
N LYS A 402 10.07 -4.36 -1.61
CA LYS A 402 11.30 -4.70 -0.90
C LYS A 402 12.51 -4.34 -1.74
N VAL A 403 12.47 -4.65 -3.04
CA VAL A 403 13.61 -4.31 -3.89
C VAL A 403 13.70 -2.79 -4.01
N PHE A 404 12.56 -2.10 -4.16
CA PHE A 404 12.62 -0.64 -4.28
C PHE A 404 13.23 -0.01 -3.02
N VAL A 405 12.89 -0.52 -1.83
CA VAL A 405 13.38 0.00 -0.55
C VAL A 405 14.86 -0.31 -0.34
N THR A 406 15.26 -1.56 -0.66
CA THR A 406 16.60 -1.97 -0.32
C THR A 406 17.60 -1.56 -1.40
N GLU A 407 17.26 -1.64 -2.67
CA GLU A 407 18.21 -1.37 -3.76
C GLU A 407 17.97 0.01 -4.37
N GLY A 408 16.73 0.44 -4.50
CA GLY A 408 16.49 1.74 -5.12
C GLY A 408 16.74 2.92 -4.19
N MET A 409 16.00 2.91 -3.12
CA MET A 409 16.03 3.99 -2.13
C MET A 409 17.19 3.85 -1.19
N GLY A 410 17.54 2.61 -0.89
CA GLY A 410 18.54 2.30 0.10
C GLY A 410 18.19 2.72 1.51
N VAL A 411 16.94 2.51 1.93
CA VAL A 411 16.54 2.80 3.27
C VAL A 411 16.00 1.59 4.00
N GLY A 412 16.37 0.42 3.56
CA GLY A 412 16.03 -0.79 4.30
C GLY A 412 16.99 -1.90 3.93
N VAL A 413 16.91 -3.01 4.69
CA VAL A 413 17.75 -4.18 4.47
C VAL A 413 16.88 -5.40 4.26
N GLU A 414 17.42 -6.37 3.57
CA GLU A 414 16.76 -7.63 3.35
C GLU A 414 16.89 -8.51 4.57
N MET A 415 15.94 -9.43 4.73
N MET A 415 15.92 -9.41 4.75
CA MET A 415 16.06 -10.45 5.77
CA MET A 415 15.95 -10.48 5.75
C MET A 415 16.12 -11.82 5.09
C MET A 415 16.12 -11.79 4.99
N GLU A 416 17.30 -12.41 5.05
CA GLU A 416 17.54 -13.64 4.32
C GLU A 416 16.60 -14.75 4.74
N GLY A 417 16.06 -15.45 3.71
CA GLY A 417 15.08 -16.47 3.95
C GLY A 417 13.65 -16.08 3.67
N TYR A 418 13.39 -14.79 3.36
CA TYR A 418 12.02 -14.33 3.16
C TYR A 418 11.33 -15.01 2.01
N THR A 419 12.05 -15.66 1.11
CA THR A 419 11.36 -16.34 0.03
C THR A 419 11.21 -17.84 0.30
N THR A 420 11.76 -18.32 1.43
CA THR A 420 11.91 -19.75 1.67
C THR A 420 10.92 -20.31 2.66
N GLY A 421 10.12 -19.49 3.32
CA GLY A 421 9.21 -20.01 4.34
C GLY A 421 9.70 -19.96 5.81
N PHE A 422 10.94 -19.58 6.06
CA PHE A 422 11.38 -19.47 7.45
C PHE A 422 12.60 -18.57 7.47
N ILE A 423 12.59 -17.58 8.36
CA ILE A 423 13.77 -16.78 8.60
C ILE A 423 14.32 -17.20 9.97
N LYS A 424 15.60 -17.49 9.98
CA LYS A 424 16.27 -18.01 11.17
C LYS A 424 16.48 -16.90 12.22
N SER A 425 16.51 -17.31 13.51
CA SER A 425 16.77 -16.40 14.63
C SER A 425 18.12 -15.71 14.48
N GLU A 426 19.11 -16.40 13.92
CA GLU A 426 20.43 -15.82 13.70
C GLU A 426 20.33 -14.63 12.76
N GLU A 427 19.44 -14.72 11.74
CA GLU A 427 19.29 -13.66 10.74
C GLU A 427 18.50 -12.50 11.32
N VAL A 428 17.45 -12.81 12.08
CA VAL A 428 16.70 -11.75 12.78
C VAL A 428 17.63 -10.95 13.64
N GLU A 429 18.47 -11.64 14.49
CA GLU A 429 19.36 -10.88 15.35
C GLU A 429 20.34 -10.10 14.50
N ALA A 430 20.92 -10.72 13.49
CA ALA A 430 21.99 -10.10 12.72
C ALA A 430 21.50 -8.81 12.08
N LYS A 431 20.29 -8.86 11.54
CA LYS A 431 19.86 -7.71 10.81
C LYS A 431 19.32 -6.64 11.74
N VAL A 432 18.69 -6.99 12.85
CA VAL A 432 18.36 -5.98 13.87
C VAL A 432 19.62 -5.25 14.32
N ARG A 433 20.71 -6.01 14.63
CA ARG A 433 21.90 -5.33 15.09
C ARG A 433 22.54 -4.51 13.97
N LEU A 434 22.44 -4.97 12.72
N LEU A 434 22.46 -4.98 12.73
CA LEU A 434 23.01 -4.22 11.61
CA LEU A 434 23.01 -4.22 11.60
C LEU A 434 22.38 -2.83 11.54
C LEU A 434 22.37 -2.83 11.57
N VAL A 435 21.06 -2.78 11.63
CA VAL A 435 20.37 -1.49 11.47
C VAL A 435 20.60 -0.62 12.70
N MET A 436 20.62 -1.23 13.89
CA MET A 436 20.58 -0.48 15.16
C MET A 436 21.95 -0.14 15.75
N GLU A 437 23.00 -0.90 15.41
CA GLU A 437 24.31 -0.71 16.00
C GLU A 437 25.45 -0.42 15.03
N SER A 438 25.40 -0.89 13.81
CA SER A 438 26.55 -0.84 12.93
C SER A 438 26.67 0.50 12.21
N GLU A 439 27.87 0.76 11.70
CA GLU A 439 28.11 1.99 10.94
C GLU A 439 27.27 2.00 9.68
N GLU A 440 27.14 0.85 9.02
CA GLU A 440 26.25 0.72 7.87
C GLU A 440 24.81 1.11 8.25
N GLY A 441 24.34 0.69 9.41
CA GLY A 441 23.03 1.07 9.88
C GLY A 441 22.91 2.57 10.10
N ARG A 442 23.97 3.18 10.61
CA ARG A 442 23.92 4.64 10.80
C ARG A 442 23.77 5.37 9.48
N HIS A 443 24.50 4.95 8.43
CA HIS A 443 24.33 5.60 7.15
C HIS A 443 22.95 5.34 6.57
N LEU A 444 22.43 4.11 6.70
CA LEU A 444 21.06 3.82 6.33
C LEU A 444 20.06 4.76 7.01
N ARG A 445 20.20 4.92 8.33
CA ARG A 445 19.28 5.82 9.02
C ARG A 445 19.40 7.24 8.47
N GLY A 446 20.62 7.67 8.20
CA GLY A 446 20.83 9.02 7.67
C GLY A 446 20.13 9.23 6.34
N ARG A 447 20.16 8.21 5.47
CA ARG A 447 19.47 8.29 4.20
C ARG A 447 17.96 8.28 4.41
N ALA A 448 17.49 7.51 5.39
CA ALA A 448 16.06 7.53 5.69
C ALA A 448 15.63 8.92 6.16
N VAL A 449 16.46 9.57 6.96
CA VAL A 449 16.12 10.88 7.52
C VAL A 449 16.07 11.90 6.39
N ALA A 450 17.02 11.79 5.46
CA ALA A 450 16.98 12.61 4.24
C ALA A 450 15.67 12.43 3.49
N LEU A 451 15.22 11.17 3.30
CA LEU A 451 13.97 11.01 2.62
C LEU A 451 12.80 11.57 3.41
N LYS A 452 12.85 11.45 4.73
CA LYS A 452 11.84 12.07 5.57
C LYS A 452 11.79 13.56 5.28
N ASN A 453 12.96 14.16 5.23
CA ASN A 453 12.95 15.60 4.97
C ASN A 453 12.31 15.89 3.62
N GLU A 454 12.57 15.05 2.63
CA GLU A 454 11.96 15.29 1.32
C GLU A 454 10.47 15.09 1.35
N ALA A 455 10.02 14.12 2.13
CA ALA A 455 8.56 13.89 2.27
C ALA A 455 7.91 15.13 2.87
N GLN A 456 8.57 15.74 3.84
CA GLN A 456 8.01 16.89 4.53
C GLN A 456 7.99 18.08 3.57
N ALA A 457 9.04 18.21 2.75
CA ALA A 457 9.05 19.24 1.74
C ALA A 457 7.90 19.06 0.78
N ALA A 458 7.59 17.82 0.44
CA ALA A 458 6.55 17.57 -0.53
C ALA A 458 5.23 18.07 -0.01
N LEU A 459 5.04 17.96 1.32
CA LEU A 459 3.75 18.25 1.94
C LEU A 459 3.61 19.68 2.43
N ARG A 460 4.62 20.52 2.22
CA ARG A 460 4.52 21.85 2.80
C ARG A 460 3.57 22.71 2.00
N ASP A 461 3.11 23.78 2.64
CA ASP A 461 2.20 24.63 1.93
C ASP A 461 2.87 25.11 0.65
N ASP A 462 2.14 25.04 -0.44
CA ASP A 462 2.63 25.41 -1.75
C ASP A 462 3.81 24.55 -2.17
N GLY A 463 3.94 23.36 -1.58
CA GLY A 463 4.95 22.37 -1.97
C GLY A 463 4.49 21.49 -3.12
N PRO A 464 5.41 20.62 -3.55
CA PRO A 464 5.14 19.82 -4.78
C PRO A 464 3.83 19.04 -4.77
N SER A 465 3.46 18.46 -3.64
CA SER A 465 2.24 17.65 -3.69
C SER A 465 0.98 18.53 -3.62
N GLU A 466 1.03 19.70 -2.97
CA GLU A 466 -0.10 20.61 -3.10
C GLU A 466 -0.14 21.18 -4.52
N THR A 467 1.02 21.51 -5.09
CA THR A 467 1.03 22.04 -6.46
C THR A 467 0.47 21.00 -7.42
N SER A 468 0.79 19.74 -7.16
CA SER A 468 0.30 18.69 -8.07
C SER A 468 -1.22 18.54 -7.93
N PHE A 469 -1.70 18.59 -6.68
CA PHE A 469 -3.11 18.45 -6.46
C PHE A 469 -3.86 19.62 -7.10
N ALA A 470 -3.27 20.82 -6.98
CA ALA A 470 -3.86 21.97 -7.66
C ALA A 470 -3.90 21.82 -9.18
N ARG A 471 -2.83 21.24 -9.78
CA ARG A 471 -2.82 21.04 -11.23
C ARG A 471 -3.91 20.04 -11.63
N PHE A 472 -4.11 19.02 -10.81
CA PHE A 472 -5.20 18.07 -11.04
C PHE A 472 -6.56 18.74 -10.96
N LEU A 473 -6.76 19.61 -9.96
CA LEU A 473 -8.04 20.30 -9.85
C LEU A 473 -8.32 21.16 -11.05
N PHE A 474 -7.32 21.90 -11.56
CA PHE A 474 -7.45 22.73 -12.77
C PHE A 474 -7.82 21.86 -13.96
N ASP A 475 -7.07 20.79 -14.15
CA ASP A 475 -7.30 19.93 -15.28
C ASP A 475 -8.71 19.34 -15.24
N ALA A 476 -9.16 18.86 -14.06
CA ALA A 476 -10.48 18.23 -13.96
C ALA A 476 -11.60 19.22 -14.20
N LYS A 477 -11.47 20.43 -13.69
CA LYS A 477 -12.48 21.46 -13.96
C LYS A 477 -12.53 21.71 -15.45
N ASN A 478 -11.38 21.74 -16.08
CA ASN A 478 -11.39 22.16 -17.48
C ASN A 478 -11.89 21.03 -18.42
N LEU A 479 -11.99 19.79 -17.91
CA LEU A 479 -12.49 18.70 -18.73
C LEU A 479 -14.01 18.48 -18.86
#